data_4KZL
#
_entry.id   4KZL
#
_cell.length_a   91.440
_cell.length_b   98.260
_cell.length_c   118.890
_cell.angle_alpha   90.00
_cell.angle_beta   90.00
_cell.angle_gamma   90.00
#
_symmetry.space_group_name_H-M   'C 2 2 21'
#
loop_
_entity.id
_entity.type
_entity.pdbx_description
1 polymer Tankyrase-2
2 polymer Tankyrase-2
3 non-polymer 2-(4-fluorophenyl)-4H-chromen-4-one
4 non-polymer 'ZINC ION'
5 non-polymer 'SULFATE ION'
6 non-polymer GLYCEROL
7 water water
#
loop_
_entity_poly.entity_id
_entity_poly.type
_entity_poly.pdbx_seq_one_letter_code
_entity_poly.pdbx_strand_id
1 'polypeptide(L)'
;MHHHHHHSSGVDLGTENLYFQSMLNTSGSGTILIDLSPDDKEFQSVEEEMQSTVREHRDGGHAGGIFNRYNILKIQKVCN
KKLWERYTHRRKEVSEENHNHANERMLFHGSPFVNAIIHKGFDERHAYIGGMFGAGIYFAENSSKSNQYVYGIGGGTGCP
VHKDRSCYICHRQLLFCRVTLGKSFLQFSAM
;
A,B
2 'polypeptide(L)' KMAHSPPGHHSVTGRPSVNGLALAEYVIYRGEQAYPEYLITYQIMRPEG C,D
#
loop_
_chem_comp.id
_chem_comp.type
_chem_comp.name
_chem_comp.formula
20D non-polymer 2-(4-fluorophenyl)-4H-chromen-4-one 'C15 H9 F O2'
GOL non-polymer GLYCEROL 'C3 H8 O3'
SO4 non-polymer 'SULFATE ION' 'O4 S -2'
ZN non-polymer 'ZINC ION' 'Zn 2'
#
# COMPACT_ATOMS: atom_id res chain seq x y z
N GLY A 30 -8.87 -30.78 -20.28
CA GLY A 30 -10.20 -30.63 -20.86
C GLY A 30 -10.47 -29.17 -21.25
N THR A 31 -9.48 -28.29 -21.27
CA THR A 31 -9.79 -26.89 -21.60
C THR A 31 -9.71 -26.68 -23.11
N ILE A 32 -10.73 -26.02 -23.67
CA ILE A 32 -10.61 -25.48 -25.01
C ILE A 32 -10.83 -23.97 -25.00
N LEU A 33 -10.14 -23.29 -25.90
CA LEU A 33 -10.17 -21.86 -26.07
C LEU A 33 -10.90 -21.55 -27.41
N ILE A 34 -12.02 -20.83 -27.33
CA ILE A 34 -12.74 -20.36 -28.52
C ILE A 34 -12.56 -18.86 -28.76
N ASP A 35 -12.07 -18.50 -29.94
CA ASP A 35 -11.90 -17.11 -30.30
C ASP A 35 -13.19 -16.43 -30.53
N LEU A 36 -13.32 -15.21 -30.04
CA LEU A 36 -14.50 -14.45 -30.32
C LEU A 36 -14.15 -13.56 -31.47
N SER A 37 -15.15 -13.26 -32.26
CA SER A 37 -14.94 -12.38 -33.36
C SER A 37 -15.07 -10.95 -32.83
N PRO A 38 -14.29 -10.03 -33.37
CA PRO A 38 -14.47 -8.63 -32.99
C PRO A 38 -15.87 -8.06 -33.21
N ASP A 39 -16.63 -8.69 -34.10
CA ASP A 39 -18.02 -8.37 -34.39
C ASP A 39 -18.99 -8.82 -33.33
N ASP A 40 -18.59 -9.73 -32.48
CA ASP A 40 -19.49 -10.33 -31.51
C ASP A 40 -19.69 -9.33 -30.38
N LYS A 41 -20.94 -9.14 -29.98
CA LYS A 41 -21.26 -8.25 -28.86
C LYS A 41 -20.55 -8.63 -27.55
N GLU A 42 -20.23 -9.91 -27.39
CA GLU A 42 -19.55 -10.42 -26.26
C GLU A 42 -18.06 -9.98 -26.29
N PHE A 43 -17.45 -9.98 -27.46
CA PHE A 43 -16.11 -9.42 -27.61
C PHE A 43 -16.13 -7.95 -27.18
N GLN A 44 -17.14 -7.26 -27.67
CA GLN A 44 -17.19 -5.82 -27.54
C GLN A 44 -17.45 -5.41 -26.10
N SER A 45 -18.36 -6.08 -25.39
CA SER A 45 -18.57 -5.75 -24.00
C SER A 45 -17.35 -6.07 -23.10
N VAL A 46 -16.62 -7.17 -23.38
CA VAL A 46 -15.41 -7.49 -22.65
C VAL A 46 -14.31 -6.46 -22.96
N GLU A 47 -14.15 -6.07 -24.24
CA GLU A 47 -13.19 -5.02 -24.59
C GLU A 47 -13.48 -3.76 -23.83
N GLU A 48 -14.75 -3.32 -23.83
CA GLU A 48 -15.13 -2.07 -23.14
C GLU A 48 -14.77 -2.07 -21.63
N GLU A 49 -14.95 -3.21 -20.95
CA GLU A 49 -14.62 -3.33 -19.53
C GLU A 49 -13.12 -3.24 -19.32
N MET A 50 -12.38 -3.84 -20.23
CA MET A 50 -10.95 -3.71 -20.22
C MET A 50 -10.45 -2.24 -20.37
N GLN A 51 -10.95 -1.57 -21.40
CA GLN A 51 -10.47 -0.27 -21.77
C GLN A 51 -10.95 0.81 -20.73
N SER A 52 -12.19 0.73 -20.30
CA SER A 52 -12.82 1.74 -19.47
C SER A 52 -12.36 1.67 -18.01
N THR A 53 -11.70 0.60 -17.61
CA THR A 53 -11.21 0.50 -16.21
C THR A 53 -9.70 0.72 -16.07
N VAL A 54 -9.05 1.26 -17.10
CA VAL A 54 -7.66 1.74 -16.97
C VAL A 54 -7.62 3.00 -16.08
N ARG A 55 -6.66 3.06 -15.16
CA ARG A 55 -6.47 4.28 -14.41
C ARG A 55 -4.95 4.51 -14.32
N GLU A 56 -4.57 5.71 -13.89
CA GLU A 56 -3.19 6.00 -13.46
C GLU A 56 -2.91 5.39 -12.08
N HIS A 57 -1.70 4.87 -11.92
CA HIS A 57 -1.23 4.24 -10.71
C HIS A 57 -0.23 5.07 -9.97
N ARG A 58 -0.20 4.86 -8.66
CA ARG A 58 0.58 5.71 -7.75
C ARG A 58 2.10 5.48 -7.95
N ASP A 59 2.48 4.36 -8.60
CA ASP A 59 3.87 4.12 -8.96
C ASP A 59 4.40 4.80 -10.24
N GLY A 60 3.60 5.68 -10.80
CA GLY A 60 3.92 6.35 -12.08
C GLY A 60 4.12 5.42 -13.28
N GLY A 61 3.61 4.18 -13.21
CA GLY A 61 3.87 3.17 -14.25
C GLY A 61 5.03 2.20 -14.02
N HIS A 62 5.68 2.28 -12.87
CA HIS A 62 6.81 1.43 -12.61
C HIS A 62 6.48 -0.07 -12.80
N ALA A 63 5.38 -0.54 -12.20
CA ALA A 63 5.09 -1.97 -12.18
C ALA A 63 4.54 -2.43 -13.52
N GLY A 64 3.66 -1.63 -14.12
CA GLY A 64 2.81 -2.10 -15.19
C GLY A 64 3.04 -1.42 -16.52
N GLY A 65 3.85 -0.36 -16.55
CA GLY A 65 4.01 0.47 -17.73
C GLY A 65 3.23 1.74 -17.77
N ILE A 66 3.60 2.62 -18.71
CA ILE A 66 2.93 3.89 -18.94
C ILE A 66 2.03 3.74 -20.18
N PHE A 67 0.71 3.91 -19.96
CA PHE A 67 -0.31 3.69 -21.01
C PHE A 67 -1.66 4.23 -20.51
N ASN A 68 -2.51 4.68 -21.41
CA ASN A 68 -3.88 5.03 -21.09
C ASN A 68 -4.89 4.07 -21.69
N ARG A 69 -4.41 3.19 -22.56
CA ARG A 69 -5.30 2.26 -23.20
C ARG A 69 -4.50 1.10 -23.78
N TYR A 70 -5.23 0.10 -24.25
CA TYR A 70 -4.67 -1.15 -24.78
C TYR A 70 -5.00 -1.33 -26.26
N ASN A 71 -4.16 -2.11 -26.93
CA ASN A 71 -4.48 -2.69 -28.22
C ASN A 71 -4.86 -4.14 -27.96
N ILE A 72 -6.16 -4.44 -28.08
CA ILE A 72 -6.67 -5.75 -27.84
C ILE A 72 -6.43 -6.58 -29.10
N LEU A 73 -5.74 -7.68 -28.94
CA LEU A 73 -5.32 -8.51 -30.08
C LEU A 73 -6.23 -9.74 -30.23
N LYS A 74 -6.67 -10.30 -29.10
CA LYS A 74 -7.57 -11.42 -29.13
C LYS A 74 -8.35 -11.56 -27.81
N ILE A 75 -9.56 -12.14 -27.92
CA ILE A 75 -10.31 -12.50 -26.74
C ILE A 75 -10.85 -13.88 -26.96
N GLN A 76 -10.51 -14.78 -26.06
CA GLN A 76 -10.97 -16.15 -26.12
C GLN A 76 -11.83 -16.52 -24.93
N LYS A 77 -12.86 -17.30 -25.22
CA LYS A 77 -13.68 -17.91 -24.21
C LYS A 77 -13.05 -19.22 -23.73
N VAL A 78 -12.98 -19.35 -22.42
CA VAL A 78 -12.32 -20.46 -21.79
C VAL A 78 -13.38 -21.48 -21.37
N CYS A 79 -13.35 -22.66 -21.98
CA CYS A 79 -14.33 -23.71 -21.71
C CYS A 79 -13.69 -24.95 -21.12
N ASN A 80 -14.06 -25.25 -19.88
CA ASN A 80 -13.73 -26.48 -19.21
C ASN A 80 -14.89 -26.94 -18.32
N LYS A 81 -15.52 -28.03 -18.70
CA LYS A 81 -16.70 -28.49 -18.01
C LYS A 81 -16.42 -28.83 -16.55
N LYS A 82 -15.35 -29.55 -16.29
CA LYS A 82 -15.03 -29.94 -14.93
C LYS A 82 -14.79 -28.70 -14.05
N LEU A 83 -14.03 -27.74 -14.56
CA LEU A 83 -13.71 -26.55 -13.82
C LEU A 83 -14.96 -25.70 -13.59
N TRP A 84 -15.83 -25.62 -14.61
CA TRP A 84 -17.09 -24.90 -14.48
C TRP A 84 -17.99 -25.50 -13.39
N GLU A 85 -18.09 -26.82 -13.36
CA GLU A 85 -18.93 -27.50 -12.36
C GLU A 85 -18.36 -27.38 -10.97
N ARG A 86 -17.05 -27.33 -10.85
CA ARG A 86 -16.39 -27.03 -9.60
C ARG A 86 -16.78 -25.64 -9.09
N TYR A 87 -16.82 -24.66 -10.01
CA TYR A 87 -17.20 -23.30 -9.67
C TYR A 87 -18.67 -23.23 -9.23
N THR A 88 -19.59 -23.79 -10.02
CA THR A 88 -21.04 -23.69 -9.68
C THR A 88 -21.42 -24.44 -8.44
N HIS A 89 -20.74 -25.57 -8.20
CA HIS A 89 -20.94 -26.30 -6.95
C HIS A 89 -20.66 -25.40 -5.73
N ARG A 90 -19.52 -24.73 -5.78
CA ARG A 90 -19.10 -23.89 -4.71
C ARG A 90 -20.00 -22.62 -4.60
N ARG A 91 -20.43 -22.11 -5.75
CA ARG A 91 -21.27 -20.96 -5.80
C ARG A 91 -22.63 -21.20 -5.09
N LYS A 92 -23.19 -22.40 -5.31
CA LYS A 92 -24.41 -22.80 -4.64
C LYS A 92 -24.20 -22.93 -3.14
N GLU A 93 -23.07 -23.44 -2.70
CA GLU A 93 -22.79 -23.46 -1.27
C GLU A 93 -22.74 -22.07 -0.60
N VAL A 94 -21.99 -21.17 -1.20
CA VAL A 94 -21.96 -19.80 -0.72
C VAL A 94 -23.34 -19.18 -0.71
N SER A 95 -24.02 -19.32 -1.82
CA SER A 95 -25.34 -18.79 -1.98
C SER A 95 -26.29 -19.23 -0.83
N GLU A 96 -26.26 -20.54 -0.53
CA GLU A 96 -27.13 -21.03 0.51
C GLU A 96 -26.74 -20.55 1.89
N GLU A 97 -25.48 -20.12 2.07
CA GLU A 97 -25.02 -19.51 3.33
C GLU A 97 -25.26 -17.98 3.41
N ASN A 98 -25.81 -17.39 2.34
CA ASN A 98 -25.94 -15.93 2.23
C ASN A 98 -27.26 -15.60 1.58
N HIS A 99 -28.35 -16.11 2.18
CA HIS A 99 -29.73 -15.83 1.70
C HIS A 99 -29.86 -15.87 0.19
N ASN A 100 -29.41 -16.95 -0.41
CA ASN A 100 -29.48 -17.21 -1.86
C ASN A 100 -28.87 -16.09 -2.71
N HIS A 101 -27.74 -15.55 -2.28
CA HIS A 101 -27.04 -14.48 -2.98
C HIS A 101 -25.56 -14.84 -3.03
N ALA A 102 -25.11 -15.29 -4.21
CA ALA A 102 -23.67 -15.54 -4.50
C ALA A 102 -22.81 -14.30 -4.55
N ASN A 103 -23.43 -13.14 -4.81
CA ASN A 103 -22.67 -11.88 -4.91
C ASN A 103 -21.52 -12.10 -5.89
N GLU A 104 -21.90 -12.51 -7.10
CA GLU A 104 -20.98 -12.80 -8.17
C GLU A 104 -20.57 -11.53 -8.95
N ARG A 105 -19.29 -11.41 -9.26
CA ARG A 105 -18.75 -10.28 -9.98
C ARG A 105 -17.91 -10.79 -11.16
N MET A 106 -17.64 -9.90 -12.13
CA MET A 106 -16.65 -10.12 -13.19
C MET A 106 -15.47 -9.19 -12.95
N LEU A 107 -14.31 -9.79 -12.71
CA LEU A 107 -13.14 -9.11 -12.24
C LEU A 107 -11.87 -9.59 -12.98
N PHE A 108 -10.86 -8.76 -13.03
CA PHE A 108 -9.62 -9.08 -13.74
C PHE A 108 -8.66 -9.79 -12.83
N HIS A 109 -7.85 -10.65 -13.43
CA HIS A 109 -6.72 -11.25 -12.77
C HIS A 109 -5.50 -11.33 -13.73
N GLY A 110 -4.35 -10.80 -13.31
CA GLY A 110 -3.09 -10.85 -14.07
C GLY A 110 -2.06 -11.68 -13.35
N SER A 111 -1.46 -12.62 -14.06
CA SER A 111 -0.61 -13.60 -13.42
C SER A 111 0.42 -14.20 -14.34
N PRO A 112 1.65 -14.42 -13.82
CA PRO A 112 2.55 -15.25 -14.63
C PRO A 112 2.00 -16.64 -14.83
N PHE A 113 1.04 -17.08 -14.00
CA PHE A 113 0.55 -18.48 -14.09
C PHE A 113 -0.74 -18.67 -14.89
N VAL A 114 -1.08 -17.68 -15.71
CA VAL A 114 -2.32 -17.68 -16.51
C VAL A 114 -2.51 -18.98 -17.29
N ASN A 115 -1.42 -19.55 -17.83
CA ASN A 115 -1.57 -20.82 -18.54
C ASN A 115 -1.92 -22.00 -17.64
N ALA A 116 -1.34 -22.12 -16.45
CA ALA A 116 -1.80 -23.17 -15.55
C ALA A 116 -3.23 -22.92 -15.07
N ILE A 117 -3.58 -21.65 -14.84
CA ILE A 117 -4.94 -21.35 -14.33
C ILE A 117 -5.97 -21.83 -15.32
N ILE A 118 -5.80 -21.53 -16.59
CA ILE A 118 -6.87 -21.89 -17.52
C ILE A 118 -6.98 -23.41 -17.77
N HIS A 119 -5.94 -24.19 -17.50
CA HIS A 119 -5.99 -25.66 -17.66
C HIS A 119 -6.34 -26.40 -16.41
N LYS A 120 -5.86 -25.95 -15.27
CA LYS A 120 -6.09 -26.66 -14.00
C LYS A 120 -6.96 -25.92 -12.97
N GLY A 121 -7.34 -24.66 -13.24
CA GLY A 121 -8.18 -23.92 -12.28
C GLY A 121 -7.31 -23.11 -11.31
N PHE A 122 -7.94 -22.22 -10.55
CA PHE A 122 -7.24 -21.49 -9.51
C PHE A 122 -7.01 -22.40 -8.30
N ASP A 123 -5.83 -22.31 -7.68
CA ASP A 123 -5.58 -23.00 -6.42
C ASP A 123 -4.52 -22.23 -5.57
N GLU A 124 -4.23 -22.76 -4.39
CA GLU A 124 -3.14 -22.24 -3.51
C GLU A 124 -1.84 -21.80 -4.19
N ARG A 125 -1.45 -22.37 -5.30
CA ARG A 125 -0.22 -21.93 -6.01
C ARG A 125 -0.33 -20.58 -6.72
N HIS A 126 -1.56 -20.09 -6.86
CA HIS A 126 -1.79 -18.81 -7.53
C HIS A 126 -2.04 -17.65 -6.55
N ALA A 127 -1.92 -17.93 -5.25
CA ALA A 127 -2.18 -16.96 -4.18
C ALA A 127 -1.08 -15.90 -4.11
N TYR A 128 -1.42 -14.71 -3.62
CA TYR A 128 -0.44 -13.65 -3.34
C TYR A 128 -0.09 -13.79 -1.87
N ILE A 129 1.00 -14.48 -1.58
CA ILE A 129 1.31 -14.86 -0.21
C ILE A 129 1.47 -13.58 0.57
N GLY A 130 2.13 -12.59 -0.02
CA GLY A 130 2.34 -11.32 0.68
C GLY A 130 1.34 -10.18 0.51
N GLY A 131 0.11 -10.45 0.10
CA GLY A 131 -0.83 -9.37 -0.17
C GLY A 131 -1.37 -8.73 1.11
N MET A 132 -1.88 -7.51 0.97
CA MET A 132 -2.31 -6.67 2.10
C MET A 132 -3.43 -7.29 2.94
N PHE A 133 -4.18 -8.23 2.34
CA PHE A 133 -5.33 -8.87 2.98
C PHE A 133 -5.08 -10.35 3.22
N GLY A 134 -3.82 -10.75 3.24
CA GLY A 134 -3.46 -12.13 3.62
C GLY A 134 -3.28 -12.98 2.36
N ALA A 135 -2.87 -14.22 2.54
CA ALA A 135 -2.57 -15.09 1.42
C ALA A 135 -3.94 -15.54 0.87
N GLY A 136 -4.31 -14.99 -0.27
CA GLY A 136 -5.45 -15.50 -1.01
C GLY A 136 -5.21 -15.16 -2.47
N ILE A 137 -6.26 -15.30 -3.28
CA ILE A 137 -6.17 -15.02 -4.69
C ILE A 137 -6.89 -13.69 -4.92
N TYR A 138 -6.20 -12.76 -5.55
CA TYR A 138 -6.55 -11.35 -5.61
C TYR A 138 -7.11 -11.04 -7.00
N PHE A 139 -8.14 -10.22 -7.05
CA PHE A 139 -8.79 -9.77 -8.28
C PHE A 139 -9.01 -8.27 -8.21
N ALA A 140 -9.13 -7.62 -9.37
CA ALA A 140 -9.30 -6.19 -9.46
C ALA A 140 -10.45 -5.74 -10.36
N GLU A 141 -11.09 -4.63 -10.00
CA GLU A 141 -12.07 -4.00 -10.90
C GLU A 141 -11.30 -3.25 -11.98
N ASN A 142 -10.15 -2.69 -11.64
CA ASN A 142 -9.31 -1.98 -12.61
C ASN A 142 -8.43 -2.96 -13.39
N SER A 143 -8.64 -3.05 -14.71
CA SER A 143 -7.81 -3.88 -15.55
C SER A 143 -6.33 -3.48 -15.40
N SER A 144 -6.05 -2.16 -15.26
CA SER A 144 -4.66 -1.68 -15.17
C SER A 144 -3.98 -2.12 -13.85
N LYS A 145 -4.77 -2.40 -12.81
CA LYS A 145 -4.21 -2.97 -11.59
C LYS A 145 -3.74 -4.42 -11.80
N SER A 146 -4.58 -5.28 -12.41
CA SER A 146 -4.16 -6.64 -12.76
C SER A 146 -3.00 -6.62 -13.75
N ASN A 147 -2.93 -5.63 -14.62
CA ASN A 147 -1.82 -5.55 -15.59
C ASN A 147 -0.45 -5.46 -14.87
N GLN A 148 -0.45 -4.90 -13.65
CA GLN A 148 0.75 -4.73 -12.86
C GLN A 148 1.32 -6.08 -12.39
N TYR A 149 0.56 -7.17 -12.47
CA TYR A 149 0.99 -8.49 -12.01
C TYR A 149 1.25 -9.52 -13.10
N VAL A 150 1.08 -9.14 -14.33
CA VAL A 150 1.24 -10.06 -15.49
C VAL A 150 2.65 -10.63 -15.55
N TYR A 151 3.64 -9.80 -15.23
CA TYR A 151 5.02 -10.23 -15.25
C TYR A 151 5.54 -10.50 -13.87
N GLY A 152 4.65 -10.60 -12.89
CA GLY A 152 5.01 -10.96 -11.51
C GLY A 152 4.65 -9.84 -10.54
N ILE A 153 4.93 -10.07 -9.27
CA ILE A 153 4.65 -9.10 -8.22
C ILE A 153 5.55 -7.92 -8.49
N GLY A 154 4.98 -6.73 -8.42
CA GLY A 154 5.74 -5.53 -8.74
C GLY A 154 6.12 -5.44 -10.22
N GLY A 155 5.52 -6.26 -11.07
CA GLY A 155 5.91 -6.28 -12.47
C GLY A 155 7.17 -7.13 -12.75
N GLY A 156 7.75 -7.74 -11.71
CA GLY A 156 8.88 -8.63 -11.82
C GLY A 156 9.99 -7.91 -12.51
N THR A 157 10.54 -8.52 -13.55
CA THR A 157 11.61 -7.92 -14.37
C THR A 157 11.09 -7.49 -15.73
N GLY A 158 9.77 -7.41 -15.89
CA GLY A 158 9.18 -7.02 -17.16
C GLY A 158 9.11 -8.18 -18.13
N CYS A 159 8.90 -7.87 -19.40
CA CYS A 159 8.66 -8.90 -20.43
C CYS A 159 9.85 -9.86 -20.47
N PRO A 160 9.61 -11.17 -20.74
CA PRO A 160 10.76 -12.07 -20.87
C PRO A 160 11.78 -11.63 -21.95
N VAL A 161 11.32 -10.96 -23.01
CA VAL A 161 12.20 -10.74 -24.16
C VAL A 161 13.12 -9.55 -23.98
N HIS A 162 12.55 -8.40 -23.60
CA HIS A 162 13.28 -7.14 -23.43
C HIS A 162 13.51 -6.70 -21.98
N LYS A 163 13.03 -7.45 -20.98
CA LYS A 163 13.19 -7.08 -19.56
C LYS A 163 12.66 -5.69 -19.26
N ASP A 164 11.52 -5.37 -19.86
CA ASP A 164 10.95 -4.05 -19.81
C ASP A 164 9.49 -4.14 -19.26
N ARG A 165 9.28 -3.66 -18.03
CA ARG A 165 7.91 -3.61 -17.42
C ARG A 165 6.97 -2.74 -18.21
N SER A 166 7.51 -1.81 -19.00
CA SER A 166 6.68 -0.98 -19.88
C SER A 166 6.78 -1.35 -21.36
N CYS A 167 7.02 -2.63 -21.68
CA CYS A 167 7.18 -3.03 -23.09
C CYS A 167 5.90 -2.84 -23.86
N TYR A 168 6.01 -2.14 -24.99
CA TYR A 168 4.91 -1.84 -25.89
C TYR A 168 4.80 -2.83 -27.08
N ILE A 169 5.70 -3.79 -27.10
CA ILE A 169 5.79 -4.74 -28.20
C ILE A 169 5.25 -6.10 -27.82
N CYS A 170 5.73 -6.60 -26.71
CA CYS A 170 5.42 -7.96 -26.29
C CYS A 170 3.93 -8.09 -25.91
N HIS A 171 3.37 -9.26 -26.23
CA HIS A 171 1.98 -9.62 -26.01
C HIS A 171 1.78 -10.09 -24.58
N ARG A 172 0.78 -9.50 -23.93
CA ARG A 172 0.40 -9.75 -22.54
C ARG A 172 -0.95 -10.47 -22.52
N GLN A 173 -1.22 -11.15 -21.42
CA GLN A 173 -2.51 -11.81 -21.25
C GLN A 173 -3.09 -11.51 -19.87
N LEU A 174 -4.38 -11.18 -19.81
CA LEU A 174 -5.12 -11.03 -18.59
C LEU A 174 -6.28 -12.02 -18.63
N LEU A 175 -6.77 -12.41 -17.45
CA LEU A 175 -8.05 -13.14 -17.33
C LEU A 175 -9.16 -12.22 -16.88
N PHE A 176 -10.33 -12.36 -17.49
CA PHE A 176 -11.55 -11.68 -16.98
C PHE A 176 -12.42 -12.81 -16.41
N CYS A 177 -12.66 -12.78 -15.11
CA CYS A 177 -13.10 -13.94 -14.35
C CYS A 177 -14.40 -13.77 -13.66
N ARG A 178 -15.14 -14.85 -13.51
CA ARG A 178 -16.38 -14.84 -12.73
C ARG A 178 -15.97 -15.25 -11.30
N VAL A 179 -16.30 -14.42 -10.32
CA VAL A 179 -15.82 -14.58 -8.95
C VAL A 179 -17.02 -14.51 -7.98
N THR A 180 -17.12 -15.45 -7.07
CA THR A 180 -18.18 -15.51 -6.10
C THR A 180 -17.65 -14.85 -4.87
N LEU A 181 -18.26 -13.74 -4.44
CA LEU A 181 -17.78 -13.07 -3.21
C LEU A 181 -18.52 -13.46 -1.94
N GLY A 182 -19.75 -13.94 -2.08
CA GLY A 182 -20.60 -14.17 -0.92
C GLY A 182 -20.62 -12.98 0.03
N LYS A 183 -20.59 -13.28 1.32
CA LYS A 183 -20.55 -12.24 2.33
C LYS A 183 -19.13 -11.72 2.45
N SER A 184 -18.88 -10.48 2.08
CA SER A 184 -17.50 -10.03 1.93
C SER A 184 -17.11 -9.12 3.08
N PHE A 185 -15.95 -9.36 3.66
CA PHE A 185 -15.43 -8.51 4.73
C PHE A 185 -14.85 -7.20 4.16
N LEU A 186 -15.33 -6.05 4.64
CA LEU A 186 -15.00 -4.74 4.06
C LEU A 186 -13.83 -4.18 4.83
N GLN A 187 -12.73 -3.98 4.11
CA GLN A 187 -11.55 -3.41 4.71
C GLN A 187 -11.35 -2.05 4.06
N PHE A 188 -11.34 -0.97 4.86
CA PHE A 188 -11.03 0.35 4.35
C PHE A 188 -9.51 0.38 4.34
N SER A 189 -8.91 1.01 3.35
CA SER A 189 -7.44 0.96 3.30
C SER A 189 -6.87 1.92 2.30
N ALA A 190 -5.59 2.24 2.49
CA ALA A 190 -4.83 3.14 1.60
C ALA A 190 -4.10 2.40 0.46
N MET B 2 -2.58 -20.82 1.86
CA MET B 2 -3.70 -19.89 1.76
C MET B 2 -4.38 -19.66 3.13
N ALA B 3 -4.62 -18.40 3.48
CA ALA B 3 -5.31 -18.06 4.73
C ALA B 3 -6.79 -18.45 4.65
N HIS B 4 -7.51 -18.26 5.76
CA HIS B 4 -8.95 -18.45 5.74
C HIS B 4 -9.62 -17.10 5.63
N SER B 5 -10.85 -17.12 5.10
CA SER B 5 -11.72 -15.96 5.08
C SER B 5 -11.89 -15.55 6.53
N PRO B 6 -12.11 -14.26 6.79
CA PRO B 6 -12.51 -13.88 8.15
C PRO B 6 -13.76 -14.66 8.59
N PRO B 7 -13.78 -15.14 9.84
CA PRO B 7 -14.91 -15.93 10.35
C PRO B 7 -16.26 -15.32 9.98
N GLY B 8 -17.16 -16.10 9.40
CA GLY B 8 -18.47 -15.59 8.98
C GLY B 8 -18.52 -14.92 7.58
N HIS B 9 -17.41 -14.96 6.82
CA HIS B 9 -17.29 -14.28 5.52
C HIS B 9 -16.73 -15.23 4.47
N HIS B 10 -16.97 -14.93 3.20
CA HIS B 10 -16.45 -15.77 2.07
C HIS B 10 -15.38 -15.10 1.24
N SER B 11 -15.06 -13.85 1.58
CA SER B 11 -14.10 -13.05 0.80
C SER B 11 -13.78 -11.79 1.55
N VAL B 12 -12.76 -11.08 1.08
CA VAL B 12 -12.44 -9.75 1.58
C VAL B 12 -12.54 -8.75 0.45
N THR B 13 -13.11 -7.59 0.76
CA THR B 13 -13.10 -6.44 -0.17
C THR B 13 -12.15 -5.36 0.32
N GLY B 14 -11.25 -4.94 -0.55
CA GLY B 14 -10.33 -3.88 -0.24
C GLY B 14 -10.88 -2.61 -0.84
N ARG B 15 -11.44 -1.79 0.03
CA ARG B 15 -12.06 -0.55 -0.38
C ARG B 15 -10.97 0.57 -0.41
N PRO B 16 -10.82 1.22 -1.54
CA PRO B 16 -9.81 2.27 -1.58
C PRO B 16 -10.21 3.49 -0.72
N SER B 17 -9.29 3.95 0.17
CA SER B 17 -9.55 5.07 1.16
C SER B 17 -8.64 6.34 1.11
N VAL B 18 -7.86 6.51 0.03
CA VAL B 18 -6.97 7.69 -0.16
C VAL B 18 -7.13 8.17 -1.61
N ASN B 19 -6.79 7.26 -2.55
CA ASN B 19 -6.93 7.48 -3.99
C ASN B 19 -8.39 7.37 -4.41
N GLY B 20 -8.98 8.56 -4.53
CA GLY B 20 -10.35 8.67 -4.96
C GLY B 20 -10.62 8.11 -6.32
N LEU B 21 -9.62 7.86 -7.19
CA LEU B 21 -9.99 7.25 -8.49
C LEU B 21 -9.89 5.70 -8.53
N ALA B 22 -9.30 5.09 -7.50
CA ALA B 22 -9.12 3.64 -7.50
C ALA B 22 -10.43 2.92 -7.36
N LEU B 23 -10.61 1.84 -8.12
CA LEU B 23 -11.66 0.88 -7.82
C LEU B 23 -11.23 -0.17 -6.78
N ALA B 24 -12.19 -0.93 -6.33
CA ALA B 24 -11.98 -1.97 -5.36
C ALA B 24 -11.18 -3.18 -5.91
N GLU B 25 -10.59 -3.89 -4.95
CA GLU B 25 -9.85 -5.11 -5.14
C GLU B 25 -10.46 -6.13 -4.15
N TYR B 26 -10.35 -7.40 -4.49
CA TYR B 26 -11.08 -8.44 -3.78
C TYR B 26 -10.14 -9.64 -3.59
N VAL B 27 -10.33 -10.36 -2.49
CA VAL B 27 -9.58 -11.57 -2.24
C VAL B 27 -10.51 -12.71 -1.88
N ILE B 28 -10.29 -13.88 -2.51
CA ILE B 28 -10.98 -15.10 -2.11
C ILE B 28 -9.93 -16.09 -1.59
N TYR B 29 -10.37 -16.99 -0.75
CA TYR B 29 -9.43 -17.93 -0.14
C TYR B 29 -9.66 -19.36 -0.62
N ARG B 30 -10.52 -19.57 -1.59
CA ARG B 30 -10.77 -20.92 -2.12
C ARG B 30 -10.71 -20.74 -3.63
N GLY B 31 -9.88 -21.52 -4.30
CA GLY B 31 -9.79 -21.44 -5.77
C GLY B 31 -11.08 -21.73 -6.50
N GLU B 32 -11.94 -22.52 -5.91
CA GLU B 32 -13.23 -22.88 -6.47
C GLU B 32 -14.19 -21.74 -6.56
N GLN B 33 -13.88 -20.60 -5.91
CA GLN B 33 -14.73 -19.42 -5.99
C GLN B 33 -14.48 -18.48 -7.15
N ALA B 34 -13.68 -18.89 -8.14
CA ALA B 34 -13.47 -18.17 -9.36
C ALA B 34 -13.39 -19.11 -10.57
N TYR B 35 -13.84 -18.64 -11.70
CA TYR B 35 -13.74 -19.37 -12.97
C TYR B 35 -13.15 -18.40 -14.03
N PRO B 36 -12.06 -18.79 -14.70
CA PRO B 36 -11.43 -17.89 -15.65
C PRO B 36 -12.17 -17.91 -16.98
N GLU B 37 -13.11 -17.01 -17.16
CA GLU B 37 -14.03 -17.07 -18.29
C GLU B 37 -13.46 -16.58 -19.62
N TYR B 38 -12.70 -15.50 -19.59
CA TYR B 38 -12.10 -14.95 -20.80
C TYR B 38 -10.59 -14.77 -20.66
N LEU B 39 -9.87 -15.17 -21.72
CA LEU B 39 -8.46 -14.93 -21.88
C LEU B 39 -8.30 -13.82 -22.93
N ILE B 40 -7.72 -12.70 -22.48
CA ILE B 40 -7.52 -11.52 -23.26
C ILE B 40 -6.03 -11.30 -23.55
N THR B 41 -5.68 -11.23 -24.83
CA THR B 41 -4.33 -11.01 -25.29
C THR B 41 -4.25 -9.58 -25.85
N TYR B 42 -3.20 -8.86 -25.45
CA TYR B 42 -3.17 -7.41 -25.64
C TYR B 42 -1.78 -6.87 -25.54
N GLN B 43 -1.62 -5.64 -26.02
CA GLN B 43 -0.47 -4.83 -25.71
C GLN B 43 -0.90 -3.56 -25.00
N ILE B 44 -0.05 -3.03 -24.13
CA ILE B 44 -0.23 -1.65 -23.68
C ILE B 44 0.22 -0.69 -24.79
N MET B 45 -0.43 0.45 -24.89
CA MET B 45 -0.12 1.41 -25.94
C MET B 45 0.60 2.63 -25.41
N ARG B 46 1.64 3.05 -26.14
CA ARG B 46 2.42 4.23 -25.75
C ARG B 46 1.55 5.47 -25.93
N PRO B 47 1.39 6.30 -24.89
CA PRO B 47 0.60 7.54 -25.10
C PRO B 47 1.26 8.43 -26.14
N GLU B 48 0.48 9.21 -26.86
CA GLU B 48 1.02 10.01 -27.97
C GLU B 48 1.70 11.27 -27.46
N GLY C 30 3.96 15.61 -8.37
CA GLY C 30 5.02 14.80 -8.99
C GLY C 30 5.58 13.69 -8.08
N THR C 31 4.84 13.28 -7.06
CA THR C 31 5.32 12.19 -6.20
C THR C 31 5.02 10.85 -6.84
N ILE C 32 5.96 9.92 -6.84
CA ILE C 32 5.65 8.52 -7.13
C ILE C 32 6.08 7.61 -5.98
N LEU C 33 5.32 6.53 -5.80
CA LEU C 33 5.56 5.57 -4.72
C LEU C 33 5.96 4.24 -5.34
N ILE C 34 7.09 3.71 -4.92
CA ILE C 34 7.62 2.44 -5.42
C ILE C 34 7.60 1.40 -4.31
N ASP C 35 6.96 0.26 -4.55
CA ASP C 35 6.89 -0.80 -3.54
C ASP C 35 8.24 -1.46 -3.38
N LEU C 36 8.59 -1.74 -2.14
CA LEU C 36 9.77 -2.53 -1.89
C LEU C 36 9.33 -3.96 -1.71
N SER C 37 10.08 -4.91 -2.25
CA SER C 37 9.75 -6.32 -2.04
C SER C 37 10.13 -6.71 -0.61
N PRO C 38 9.35 -7.57 0.04
CA PRO C 38 9.77 -8.04 1.36
C PRO C 38 11.10 -8.82 1.40
N ASP C 39 11.52 -9.33 0.24
CA ASP C 39 12.79 -10.02 0.11
C ASP C 39 13.96 -9.09 -0.03
N ASP C 40 13.69 -7.80 -0.14
CA ASP C 40 14.70 -6.80 -0.30
C ASP C 40 15.28 -6.41 1.07
N LYS C 41 16.61 -6.34 1.18
CA LYS C 41 17.29 -5.90 2.39
C LYS C 41 16.82 -4.55 2.88
N GLU C 42 16.46 -3.67 1.95
CA GLU C 42 15.97 -2.37 2.32
C GLU C 42 14.63 -2.46 3.08
N PHE C 43 13.70 -3.25 2.57
CA PHE C 43 12.44 -3.52 3.24
C PHE C 43 12.72 -4.02 4.66
N GLN C 44 13.59 -5.01 4.73
CA GLN C 44 13.84 -5.72 5.96
C GLN C 44 14.46 -4.81 7.00
N SER C 45 15.27 -3.88 6.55
CA SER C 45 15.91 -2.92 7.40
C SER C 45 14.89 -1.93 8.02
N VAL C 46 13.99 -1.42 7.19
CA VAL C 46 12.96 -0.52 7.64
C VAL C 46 12.03 -1.25 8.61
N GLU C 47 11.67 -2.49 8.27
CA GLU C 47 10.81 -3.25 9.14
C GLU C 47 11.50 -3.43 10.53
N GLU C 48 12.78 -3.74 10.50
CA GLU C 48 13.55 -3.95 11.77
C GLU C 48 13.58 -2.67 12.64
N GLU C 49 13.77 -1.52 12.02
CA GLU C 49 13.70 -0.24 12.71
C GLU C 49 12.34 0.02 13.36
N MET C 50 11.26 -0.22 12.62
CA MET C 50 9.91 -0.20 13.16
C MET C 50 9.68 -1.09 14.37
N GLN C 51 9.95 -2.38 14.20
CA GLN C 51 9.69 -3.38 15.23
C GLN C 51 10.55 -3.21 16.48
N SER C 52 11.81 -2.89 16.27
CA SER C 52 12.76 -2.82 17.37
C SER C 52 12.63 -1.54 18.21
N THR C 53 11.93 -0.53 17.73
CA THR C 53 11.72 0.70 18.50
C THR C 53 10.30 0.84 19.10
N VAL C 54 9.55 -0.25 19.15
CA VAL C 54 8.30 -0.28 19.94
C VAL C 54 8.71 -0.28 21.42
N ARG C 55 8.07 0.57 22.22
CA ARG C 55 8.13 0.48 23.67
C ARG C 55 6.73 0.61 24.27
N GLU C 56 6.67 0.44 25.57
CA GLU C 56 5.51 0.77 26.39
C GLU C 56 5.42 2.25 26.61
N HIS C 57 4.18 2.72 26.73
CA HIS C 57 3.86 4.12 26.93
C HIS C 57 3.14 4.30 28.26
N ARG C 58 3.36 5.44 28.89
CA ARG C 58 2.87 5.70 30.24
C ARG C 58 1.37 5.90 30.28
N ASP C 59 0.76 6.10 29.11
CA ASP C 59 -0.70 6.12 29.01
C ASP C 59 -1.39 4.76 28.93
N GLY C 60 -0.61 3.69 29.07
CA GLY C 60 -1.16 2.34 29.04
C GLY C 60 -1.74 1.94 27.65
N GLY C 61 -1.35 2.61 26.58
CA GLY C 61 -1.99 2.35 25.28
C GLY C 61 -3.14 3.26 24.89
N HIS C 62 -3.51 4.21 25.76
CA HIS C 62 -4.62 5.07 25.48
C HIS C 62 -4.59 5.72 24.09
N ALA C 63 -3.49 6.38 23.75
CA ALA C 63 -3.40 7.14 22.50
C ALA C 63 -3.17 6.27 21.27
N GLY C 64 -2.24 5.34 21.39
CA GLY C 64 -1.77 4.54 20.27
C GLY C 64 -2.27 3.11 20.15
N GLY C 65 -2.83 2.56 21.24
CA GLY C 65 -3.21 1.17 21.32
C GLY C 65 -2.28 0.30 22.14
N ILE C 66 -2.74 -0.92 22.35
CA ILE C 66 -2.02 -1.87 23.14
C ILE C 66 -1.41 -2.84 22.17
N PHE C 67 -0.08 -2.87 22.15
CA PHE C 67 0.67 -3.77 21.21
C PHE C 67 2.16 -3.82 21.55
N ASN C 68 2.80 -4.91 21.18
CA ASN C 68 4.27 -5.07 21.29
C ASN C 68 4.97 -5.12 19.93
N ARG C 69 4.21 -5.29 18.84
CA ARG C 69 4.78 -5.42 17.51
C ARG C 69 3.75 -5.11 16.45
N TYR C 70 4.23 -4.94 15.23
CA TYR C 70 3.35 -4.61 14.12
C TYR C 70 3.23 -5.74 13.11
N ASN C 71 2.13 -5.75 12.39
CA ASN C 71 2.07 -6.45 11.09
C ASN C 71 2.37 -5.45 9.95
N ILE C 72 3.57 -5.51 9.37
CA ILE C 72 3.93 -4.64 8.26
C ILE C 72 3.28 -5.17 6.97
N LEU C 73 2.45 -4.35 6.33
CA LEU C 73 1.74 -4.73 5.17
C LEU C 73 2.40 -4.26 3.92
N LYS C 74 3.06 -3.09 3.97
CA LYS C 74 3.71 -2.55 2.81
C LYS C 74 4.72 -1.44 3.17
N ILE C 75 5.78 -1.35 2.38
CA ILE C 75 6.72 -0.26 2.52
C ILE C 75 7.01 0.27 1.13
N GLN C 76 6.77 1.55 0.93
CA GLN C 76 7.05 2.24 -0.31
C GLN C 76 8.13 3.30 -0.19
N LYS C 77 9.01 3.36 -1.18
CA LYS C 77 9.85 4.54 -1.37
C LYS C 77 9.06 5.67 -1.96
N VAL C 78 9.19 6.87 -1.40
CA VAL C 78 8.54 8.11 -1.89
C VAL C 78 9.53 8.93 -2.72
N CYS C 79 9.22 9.21 -3.98
CA CYS C 79 10.15 9.92 -4.88
C CYS C 79 9.49 11.14 -5.42
N ASN C 80 10.12 12.28 -5.17
CA ASN C 80 9.63 13.53 -5.69
C ASN C 80 10.86 14.40 -5.89
N LYS C 81 11.18 14.64 -7.15
CA LYS C 81 12.43 15.28 -7.55
C LYS C 81 12.52 16.70 -6.98
N LYS C 82 11.45 17.45 -7.14
CA LYS C 82 11.39 18.80 -6.63
C LYS C 82 11.50 18.89 -5.08
N LEU C 83 10.73 18.07 -4.34
CA LEU C 83 10.87 18.03 -2.89
C LEU C 83 12.26 17.60 -2.44
N TRP C 84 12.87 16.70 -3.20
CA TRP C 84 14.21 16.21 -2.85
C TRP C 84 15.23 17.37 -2.95
N GLU C 85 15.13 18.12 -4.04
CA GLU C 85 15.98 19.28 -4.26
C GLU C 85 15.75 20.36 -3.22
N ARG C 86 14.51 20.66 -2.87
CA ARG C 86 14.19 21.51 -1.75
C ARG C 86 14.91 21.05 -0.45
N TYR C 87 14.82 19.77 -0.15
CA TYR C 87 15.52 19.18 1.03
C TYR C 87 17.06 19.34 0.99
N THR C 88 17.69 18.94 -0.12
CA THR C 88 19.15 19.01 -0.30
C THR C 88 19.70 20.44 -0.35
N HIS C 89 18.90 21.39 -0.78
CA HIS C 89 19.34 22.80 -0.73
C HIS C 89 19.41 23.29 0.71
N ARG C 90 18.38 22.97 1.49
CA ARG C 90 18.34 23.36 2.88
C ARG C 90 19.41 22.62 3.65
N ARG C 91 19.68 21.37 3.30
CA ARG C 91 20.65 20.56 4.05
C ARG C 91 22.04 21.18 3.90
N LYS C 92 22.25 21.72 2.70
CA LYS C 92 23.50 22.38 2.35
C LYS C 92 23.67 23.66 3.13
N GLU C 93 22.63 24.49 3.23
CA GLU C 93 22.72 25.71 4.06
C GLU C 93 22.98 25.38 5.52
N VAL C 94 22.22 24.43 6.06
CA VAL C 94 22.38 24.05 7.47
C VAL C 94 23.78 23.45 7.71
N SER C 95 24.16 22.52 6.86
CA SER C 95 25.45 21.88 6.97
C SER C 95 26.61 22.91 7.00
N GLU C 96 26.59 23.89 6.09
CA GLU C 96 27.63 24.94 6.04
C GLU C 96 27.59 25.82 7.30
N GLU C 97 26.40 26.14 7.79
CA GLU C 97 26.31 26.88 9.03
C GLU C 97 26.77 26.12 10.25
N ASN C 98 26.68 24.79 10.22
CA ASN C 98 27.13 23.96 11.36
C ASN C 98 28.47 23.30 11.04
N HIS C 99 29.31 24.04 10.30
CA HIS C 99 30.73 23.68 10.05
C HIS C 99 30.90 22.32 9.42
N ASN C 100 30.14 22.13 8.35
CA ASN C 100 30.14 20.96 7.50
C ASN C 100 29.66 19.69 8.19
N HIS C 101 28.51 19.80 8.86
CA HIS C 101 27.90 18.66 9.50
C HIS C 101 26.36 18.86 9.47
N ALA C 102 25.68 18.13 8.59
CA ALA C 102 24.23 18.17 8.50
C ALA C 102 23.53 17.59 9.71
N ASN C 103 24.18 16.63 10.36
CA ASN C 103 23.60 15.93 11.53
C ASN C 103 22.24 15.30 11.09
N GLU C 104 22.32 14.52 10.03
CA GLU C 104 21.15 13.97 9.37
C GLU C 104 20.79 12.61 9.98
N ARG C 105 19.51 12.41 10.26
CA ARG C 105 18.99 11.21 10.91
C ARG C 105 17.83 10.61 10.09
N MET C 106 17.45 9.39 10.41
CA MET C 106 16.21 8.79 9.89
C MET C 106 15.30 8.67 11.09
N LEU C 107 14.12 9.29 11.00
CA LEU C 107 13.20 9.37 12.14
C LEU C 107 11.76 9.14 11.72
N PHE C 108 10.93 8.60 12.61
CA PHE C 108 9.51 8.40 12.32
C PHE C 108 8.65 9.64 12.46
N HIS C 109 7.54 9.66 11.72
CA HIS C 109 6.54 10.70 11.82
C HIS C 109 5.17 10.10 11.54
N GLY C 110 4.24 10.31 12.46
CA GLY C 110 2.91 9.75 12.35
C GLY C 110 1.93 10.91 12.32
N SER C 111 1.09 10.95 11.30
CA SER C 111 0.23 12.11 11.15
C SER C 111 -1.03 11.83 10.33
N PRO C 112 -2.14 12.48 10.70
CA PRO C 112 -3.33 12.55 9.85
C PRO C 112 -3.09 13.24 8.50
N PHE C 113 -2.01 14.00 8.36
CA PHE C 113 -1.76 14.73 7.11
C PHE C 113 -0.79 13.95 6.19
N VAL C 114 -0.54 12.67 6.50
CA VAL C 114 0.45 11.91 5.76
C VAL C 114 0.21 11.99 4.25
N ASN C 115 -1.06 11.94 3.81
CA ASN C 115 -1.35 12.02 2.38
C ASN C 115 -0.92 13.36 1.79
N ALA C 116 -1.13 14.47 2.50
CA ALA C 116 -0.65 15.77 2.03
C ALA C 116 0.88 15.86 2.07
N ILE C 117 1.48 15.32 3.12
CA ILE C 117 2.93 15.41 3.27
C ILE C 117 3.68 14.80 2.10
N ILE C 118 3.30 13.60 1.69
CA ILE C 118 4.08 12.96 0.62
C ILE C 118 3.94 13.65 -0.77
N HIS C 119 2.89 14.44 -0.96
CA HIS C 119 2.63 15.08 -2.23
C HIS C 119 3.17 16.48 -2.25
N LYS C 120 2.98 17.20 -1.15
CA LYS C 120 3.32 18.60 -1.04
C LYS C 120 4.55 18.89 -0.15
N GLY C 121 5.02 17.93 0.64
CA GLY C 121 6.19 18.17 1.54
C GLY C 121 5.76 18.68 2.89
N PHE C 122 6.67 18.68 3.87
CA PHE C 122 6.36 19.26 5.18
C PHE C 122 6.26 20.80 5.10
N ASP C 123 5.27 21.37 5.78
CA ASP C 123 5.20 22.81 6.03
C ASP C 123 4.43 23.14 7.33
N GLU C 124 4.30 24.43 7.61
CA GLU C 124 3.63 24.92 8.84
C GLU C 124 2.31 24.19 9.18
N ARG C 125 1.57 23.72 8.17
CA ARG C 125 0.29 23.02 8.44
C ARG C 125 0.47 21.66 9.15
N HIS C 126 1.71 21.18 9.24
CA HIS C 126 2.03 19.84 9.83
C HIS C 126 2.68 19.90 11.22
N ALA C 127 2.82 21.14 11.73
CA ALA C 127 3.41 21.45 13.02
C ALA C 127 2.48 21.04 14.12
N TYR C 128 3.07 20.80 15.29
CA TYR C 128 2.34 20.50 16.51
C TYR C 128 2.40 21.76 17.33
N ILE C 129 1.34 22.54 17.22
CA ILE C 129 1.33 23.91 17.73
C ILE C 129 1.58 23.88 19.23
N GLY C 130 0.94 22.96 19.93
CA GLY C 130 1.07 22.86 21.37
C GLY C 130 2.11 21.87 21.87
N GLY C 131 3.07 21.54 21.01
CA GLY C 131 4.12 20.62 21.39
C GLY C 131 4.97 21.21 22.53
N MET C 132 5.54 20.35 23.35
CA MET C 132 6.34 20.77 24.49
C MET C 132 7.62 21.56 24.21
N PHE C 133 8.18 21.48 23.01
CA PHE C 133 9.33 22.32 22.64
C PHE C 133 8.94 23.32 21.57
N GLY C 134 7.70 23.78 21.60
CA GLY C 134 7.26 24.87 20.74
C GLY C 134 6.65 24.34 19.47
N ALA C 135 6.06 25.27 18.72
CA ALA C 135 5.33 24.96 17.50
C ALA C 135 6.32 24.64 16.38
N GLY C 136 6.54 23.36 16.15
CA GLY C 136 7.41 22.90 15.05
C GLY C 136 6.93 21.52 14.66
N ILE C 137 7.66 20.88 13.78
CA ILE C 137 7.32 19.54 13.28
C ILE C 137 8.15 18.53 14.06
N TYR C 138 7.47 17.54 14.64
CA TYR C 138 8.00 16.57 15.58
C TYR C 138 8.30 15.21 14.94
N PHE C 139 9.43 14.61 15.31
CA PHE C 139 9.81 13.28 14.89
C PHE C 139 10.27 12.44 16.08
N ALA C 140 10.18 11.11 15.95
CA ALA C 140 10.53 10.21 17.03
C ALA C 140 11.49 9.12 16.59
N GLU C 141 12.37 8.74 17.53
CA GLU C 141 13.15 7.53 17.38
C GLU C 141 12.29 6.31 17.67
N ASN C 142 11.34 6.40 18.59
CA ASN C 142 10.48 5.26 18.84
C ASN C 142 9.33 5.27 17.83
N SER C 143 9.18 4.20 17.06
CA SER C 143 8.09 4.09 16.14
C SER C 143 6.70 4.19 16.87
N SER C 144 6.63 3.61 18.06
CA SER C 144 5.38 3.56 18.83
C SER C 144 5.01 4.94 19.34
N LYS C 145 5.96 5.85 19.43
CA LYS C 145 5.66 7.26 19.81
C LYS C 145 4.91 7.96 18.64
N SER C 146 5.46 7.81 17.45
CA SER C 146 4.83 8.36 16.23
C SER C 146 3.46 7.70 15.97
N ASN C 147 3.32 6.40 16.30
CA ASN C 147 2.03 5.70 16.20
C ASN C 147 0.91 6.40 17.02
N GLN C 148 1.26 7.02 18.14
CA GLN C 148 0.25 7.78 18.95
C GLN C 148 -0.35 9.01 18.22
N TYR C 149 0.22 9.44 17.10
CA TYR C 149 -0.27 10.59 16.34
C TYR C 149 -0.93 10.28 14.98
N VAL C 150 -0.93 9.01 14.59
CA VAL C 150 -1.49 8.62 13.30
C VAL C 150 -2.95 9.09 13.13
N TYR C 151 -3.71 8.97 14.20
CA TYR C 151 -5.11 9.41 14.20
C TYR C 151 -5.33 10.75 14.86
N GLY C 152 -4.25 11.51 15.02
CA GLY C 152 -4.31 12.85 15.55
C GLY C 152 -3.68 12.98 16.92
N ILE C 153 -3.69 14.19 17.47
CA ILE C 153 -3.09 14.45 18.79
C ILE C 153 -3.80 13.65 19.87
N GLY C 154 -3.07 12.89 20.68
CA GLY C 154 -3.70 12.07 21.71
C GLY C 154 -4.38 10.83 21.16
N GLY C 155 -4.07 10.50 19.89
CA GLY C 155 -4.76 9.48 19.14
C GLY C 155 -6.14 9.89 18.58
N GLY C 156 -6.51 11.19 18.72
CA GLY C 156 -7.85 11.68 18.38
C GLY C 156 -8.95 10.79 18.90
N THR C 157 -9.90 10.41 18.04
CA THR C 157 -10.96 9.43 18.42
C THR C 157 -10.70 8.03 17.77
N GLY C 158 -9.46 7.78 17.36
CA GLY C 158 -9.07 6.46 16.87
C GLY C 158 -9.39 6.31 15.39
N CYS C 159 -9.47 5.09 14.91
CA CYS C 159 -9.68 4.85 13.49
C CYS C 159 -11.01 5.44 13.01
N PRO C 160 -11.09 5.80 11.71
CA PRO C 160 -12.37 6.31 11.22
C PRO C 160 -13.52 5.32 11.33
N VAL C 161 -13.25 4.05 11.06
CA VAL C 161 -14.30 3.04 10.92
C VAL C 161 -14.87 2.61 12.28
N HIS C 162 -14.01 2.40 13.26
CA HIS C 162 -14.45 1.84 14.54
C HIS C 162 -14.36 2.83 15.71
N LYS C 163 -13.77 3.99 15.52
CA LYS C 163 -13.47 4.92 16.59
C LYS C 163 -12.69 4.25 17.71
N ASP C 164 -11.71 3.45 17.34
CA ASP C 164 -10.98 2.67 18.31
C ASP C 164 -9.50 3.06 18.21
N ARG C 165 -8.95 3.69 19.25
CA ARG C 165 -7.54 4.05 19.24
C ARG C 165 -6.65 2.81 19.23
N SER C 166 -7.16 1.68 19.70
CA SER C 166 -6.41 0.44 19.66
C SER C 166 -6.91 -0.53 18.55
N CYS C 167 -7.47 -0.02 17.45
CA CYS C 167 -8.01 -0.90 16.39
C CYS C 167 -6.92 -1.80 15.81
N TYR C 168 -7.21 -3.10 15.77
CA TYR C 168 -6.31 -4.11 15.19
C TYR C 168 -6.67 -4.48 13.75
N ILE C 169 -7.73 -3.89 13.24
CA ILE C 169 -8.23 -4.21 11.91
C ILE C 169 -7.77 -3.18 10.90
N CYS C 170 -7.94 -1.91 11.21
CA CYS C 170 -7.68 -0.87 10.21
C CYS C 170 -6.19 -0.62 9.97
N HIS C 171 -5.87 -0.31 8.72
CA HIS C 171 -4.50 -0.05 8.27
C HIS C 171 -4.08 1.36 8.61
N ARG C 172 -2.89 1.48 9.23
CA ARG C 172 -2.29 2.72 9.60
C ARG C 172 -1.13 3.00 8.66
N GLN C 173 -0.70 4.24 8.59
CA GLN C 173 0.50 4.58 7.86
C GLN C 173 1.42 5.47 8.69
N LEU C 174 2.74 5.26 8.64
CA LEU C 174 3.77 6.12 9.26
C LEU C 174 4.74 6.51 8.15
N LEU C 175 5.49 7.57 8.37
CA LEU C 175 6.59 7.94 7.50
C LEU C 175 7.88 7.68 8.23
N PHE C 176 8.90 7.25 7.48
CA PHE C 176 10.24 7.15 8.03
C PHE C 176 11.05 8.10 7.17
N CYS C 177 11.53 9.16 7.80
CA CYS C 177 11.97 10.36 7.10
C CYS C 177 13.43 10.68 7.33
N ARG C 178 14.03 11.31 6.33
CA ARG C 178 15.35 11.84 6.47
C ARG C 178 15.21 13.27 7.04
N VAL C 179 15.85 13.55 8.17
CA VAL C 179 15.68 14.79 8.91
C VAL C 179 17.03 15.46 9.18
N THR C 180 17.19 16.72 8.76
CA THR C 180 18.45 17.47 9.01
C THR C 180 18.37 18.17 10.36
N LEU C 181 19.18 17.78 11.33
CA LEU C 181 19.09 18.43 12.67
C LEU C 181 19.99 19.62 12.86
N GLY C 182 21.09 19.67 12.11
CA GLY C 182 22.05 20.74 12.26
C GLY C 182 22.55 20.76 13.69
N LYS C 183 22.83 21.94 14.20
CA LYS C 183 23.15 22.13 15.60
C LYS C 183 21.85 22.00 16.38
N SER C 184 21.73 20.97 17.22
CA SER C 184 20.50 20.69 17.90
C SER C 184 20.60 21.11 19.37
N PHE C 185 19.59 21.82 19.83
CA PHE C 185 19.53 22.22 21.22
C PHE C 185 19.01 21.09 22.06
N LEU C 186 19.79 20.70 23.06
CA LEU C 186 19.45 19.60 23.91
C LEU C 186 18.54 20.04 25.04
N GLN C 187 17.36 19.45 25.13
CA GLN C 187 16.43 19.82 26.14
C GLN C 187 16.08 18.55 26.88
N PHE C 188 16.36 18.47 28.17
CA PHE C 188 15.94 17.28 28.91
C PHE C 188 14.50 17.54 29.27
N SER C 189 13.69 16.50 29.29
CA SER C 189 12.27 16.69 29.49
C SER C 189 11.82 15.64 30.42
N ALA C 190 11.02 16.04 31.39
CA ALA C 190 10.59 15.20 32.49
C ALA C 190 9.90 13.90 32.04
N MET C 191 9.36 13.87 30.82
CA MET C 191 8.87 12.63 30.21
C MET C 191 9.73 11.36 30.43
N MET D 2 4.23 28.88 13.19
CA MET D 2 5.42 28.02 13.49
C MET D 2 6.60 28.81 14.14
N ALA D 3 7.07 28.31 15.29
CA ALA D 3 8.10 28.96 16.09
C ALA D 3 9.49 28.86 15.42
N HIS D 4 10.49 29.49 16.03
CA HIS D 4 11.85 29.50 15.47
C HIS D 4 12.74 28.64 16.33
N SER D 5 13.83 28.15 15.72
CA SER D 5 14.82 27.38 16.46
C SER D 5 15.45 28.31 17.47
N PRO D 6 16.01 27.75 18.55
CA PRO D 6 16.86 28.54 19.45
C PRO D 6 17.99 29.25 18.68
N PRO D 7 18.37 30.48 19.09
CA PRO D 7 19.42 31.19 18.33
C PRO D 7 20.69 30.34 18.11
N GLY D 8 21.12 30.29 16.86
CA GLY D 8 22.31 29.54 16.50
C GLY D 8 22.03 28.05 16.39
N HIS D 9 20.77 27.64 16.57
CA HIS D 9 20.40 26.20 16.51
C HIS D 9 19.48 25.92 15.33
N HIS D 10 19.43 24.67 14.87
CA HIS D 10 18.59 24.31 13.70
C HIS D 10 17.47 23.31 14.08
N SER D 11 17.46 22.88 15.33
CA SER D 11 16.50 21.92 15.82
C SER D 11 16.63 21.82 17.32
N VAL D 12 15.69 21.08 17.91
CA VAL D 12 15.64 20.77 19.34
C VAL D 12 15.57 19.27 19.48
N THR D 13 16.42 18.76 20.36
CA THR D 13 16.45 17.38 20.76
C THR D 13 15.82 17.28 22.14
N GLY D 14 14.67 16.62 22.19
CA GLY D 14 13.92 16.36 23.43
C GLY D 14 14.31 15.01 23.97
N ARG D 15 14.96 15.00 25.11
CA ARG D 15 15.51 13.77 25.59
C ARG D 15 14.88 13.38 26.90
N PRO D 16 14.12 12.28 26.88
CA PRO D 16 13.42 11.91 28.09
C PRO D 16 14.39 11.57 29.22
N SER D 17 14.23 12.19 30.37
CA SER D 17 15.15 12.07 31.50
C SER D 17 14.61 11.20 32.67
N VAL D 18 13.35 10.75 32.58
CA VAL D 18 12.80 9.89 33.64
C VAL D 18 12.61 8.42 33.23
N ASN D 19 11.96 8.20 32.08
CA ASN D 19 11.87 6.86 31.53
C ASN D 19 13.14 6.49 30.74
N GLY D 20 13.96 5.63 31.34
CA GLY D 20 15.21 5.26 30.74
C GLY D 20 15.10 4.50 29.45
N LEU D 21 13.90 3.97 29.17
CA LEU D 21 13.66 3.21 27.94
C LEU D 21 13.12 4.02 26.79
N ALA D 22 12.73 5.26 27.05
CA ALA D 22 12.13 6.12 26.05
C ALA D 22 13.23 6.73 25.22
N LEU D 23 13.12 6.63 23.91
CA LEU D 23 14.11 7.30 23.03
C LEU D 23 13.80 8.78 22.78
N ALA D 24 14.66 9.48 22.08
CA ALA D 24 14.50 10.92 21.89
C ALA D 24 13.45 11.31 20.88
N GLU D 25 13.02 12.55 21.00
CA GLU D 25 12.08 13.21 20.07
C GLU D 25 12.78 14.44 19.55
N TYR D 26 12.48 14.87 18.33
CA TYR D 26 13.20 15.94 17.68
C TYR D 26 12.22 16.90 17.02
N VAL D 27 12.56 18.19 17.08
CA VAL D 27 11.71 19.23 16.51
C VAL D 27 12.52 20.05 15.54
N ILE D 28 11.93 20.26 14.37
CA ILE D 28 12.44 21.20 13.39
C ILE D 28 11.43 22.31 13.16
N TYR D 29 11.90 23.45 12.70
CA TYR D 29 11.06 24.63 12.55
C TYR D 29 10.94 25.09 11.10
N ARG D 30 11.51 24.34 10.17
CA ARG D 30 11.42 24.58 8.75
C ARG D 30 11.06 23.25 8.14
N GLY D 31 10.02 23.19 7.31
CA GLY D 31 9.61 21.91 6.67
C GLY D 31 10.62 21.37 5.68
N GLU D 32 11.45 22.27 5.13
CA GLU D 32 12.45 21.85 4.19
C GLU D 32 13.55 20.99 4.80
N GLN D 33 13.62 20.91 6.13
CA GLN D 33 14.63 20.08 6.81
C GLN D 33 14.22 18.64 7.02
N ALA D 34 13.09 18.23 6.44
CA ALA D 34 12.71 16.83 6.42
C ALA D 34 12.26 16.36 5.01
N TYR D 35 12.52 15.08 4.73
CA TYR D 35 12.11 14.48 3.48
C TYR D 35 11.47 13.13 3.82
N PRO D 36 10.19 12.94 3.40
CA PRO D 36 9.48 11.70 3.75
C PRO D 36 9.93 10.57 2.86
N GLU D 37 10.95 9.84 3.26
CA GLU D 37 11.57 8.88 2.36
C GLU D 37 10.86 7.52 2.20
N TYR D 38 10.23 7.02 3.26
CA TYR D 38 9.46 5.79 3.22
C TYR D 38 8.06 5.98 3.79
N LEU D 39 7.09 5.35 3.13
CA LEU D 39 5.69 5.27 3.55
C LEU D 39 5.38 3.82 3.95
N ILE D 40 5.04 3.62 5.22
CA ILE D 40 4.91 2.30 5.83
C ILE D 40 3.44 2.10 6.18
N THR D 41 2.84 1.03 5.65
CA THR D 41 1.44 0.65 5.92
C THR D 41 1.45 -0.60 6.82
N TYR D 42 0.69 -0.58 7.91
CA TYR D 42 0.80 -1.57 8.96
C TYR D 42 -0.45 -1.67 9.83
N GLN D 43 -0.53 -2.77 10.58
CA GLN D 43 -1.53 -2.91 11.64
C GLN D 43 -0.75 -3.04 12.96
N ILE D 44 -1.30 -2.58 14.07
CA ILE D 44 -0.76 -2.95 15.39
C ILE D 44 -1.34 -4.34 15.65
N MET D 45 -0.61 -5.18 16.36
CA MET D 45 -1.03 -6.56 16.65
C MET D 45 -1.44 -6.76 18.14
N ARG D 46 -2.59 -7.39 18.37
CA ARG D 46 -3.00 -7.73 19.74
C ARG D 46 -2.04 -8.71 20.42
N PRO D 47 -1.50 -8.39 21.63
CA PRO D 47 -0.63 -9.33 22.35
C PRO D 47 -1.36 -10.65 22.64
N GLU D 48 -0.68 -11.78 22.66
CA GLU D 48 -1.36 -13.10 22.83
C GLU D 48 -1.64 -13.45 24.27
CAJ 20D E . -3.15 -10.55 -9.55
CAG 20D E . -4.11 -9.56 -9.67
OAK 20D E . -4.80 -9.41 -10.72
CAF 20D E . -4.23 -8.65 -8.60
CAA 20D E . -5.25 -7.72 -8.61
CAB 20D E . -5.40 -6.80 -7.55
CAC 20D E . -4.50 -6.80 -6.47
CAD 20D E . -3.48 -7.76 -6.47
CAE 20D E . -3.36 -8.68 -7.51
OAH 20D E . -2.36 -9.63 -7.47
CAI 20D E . -2.30 -10.61 -8.44
CAL 20D E . -1.28 -11.60 -8.25
CAM 20D E . -0.48 -11.54 -7.11
CAN 20D E . 0.52 -12.47 -6.88
CAO 20D E . 0.75 -13.51 -7.78
FAR 20D E . 1.72 -14.37 -7.52
CAP 20D E . -0.03 -13.62 -8.92
CAQ 20D E . -1.02 -12.66 -9.17
ZN ZN F . 9.11 -6.93 -24.55
S SO4 G . -1.93 2.02 -6.99
O1 SO4 G . -0.93 2.09 -5.94
O2 SO4 G . -1.74 0.83 -7.80
O3 SO4 G . -3.16 1.71 -6.21
O4 SO4 G . -2.19 3.28 -7.71
S SO4 H . -3.23 7.93 -25.77
O1 SO4 H . -2.81 8.16 -24.39
O2 SO4 H . -3.01 6.50 -26.11
O3 SO4 H . -4.67 8.25 -25.83
O4 SO4 H . -2.39 8.82 -26.63
C1 GOL I . -11.58 8.06 -0.70
O1 GOL I . -11.01 9.22 -1.34
C2 GOL I . -12.91 8.35 0.04
O2 GOL I . -12.71 9.28 1.12
C3 GOL I . -13.98 8.89 -0.90
O3 GOL I . -15.27 8.67 -0.34
CAJ 20D J . 4.03 13.38 14.93
CAG 20D J . 5.03 12.60 15.51
OAK 20D J . 5.48 11.65 14.86
CAF 20D J . 5.49 12.93 16.80
CAA 20D J . 6.64 12.34 17.32
CAB 20D J . 7.12 12.69 18.60
CAC 20D J . 6.44 13.65 19.38
CAD 20D J . 5.31 14.28 18.86
CAE 20D J . 4.87 13.94 17.57
OAH 20D J . 3.81 14.58 17.04
CAI 20D J . 3.45 14.38 15.71
CAL 20D J . 2.39 15.18 15.27
CAM 20D J . 1.86 16.08 16.17
CAN 20D J . 0.81 16.90 15.83
CAO 20D J . 0.26 16.85 14.55
FAR 20D J . -0.78 17.66 14.25
CAP 20D J . 0.77 15.93 13.63
CAQ 20D J . 1.82 15.09 13.99
ZN ZN K . -10.78 0.31 12.87
S SO4 L . 4.95 8.27 26.83
O1 SO4 L . 5.30 7.00 27.53
O2 SO4 L . 6.20 9.00 26.72
O3 SO4 L . 4.50 8.23 25.41
O4 SO4 L . 4.26 9.21 27.67
S SO4 M . 2.98 -10.58 21.32
O1 SO4 M . 2.89 -9.83 22.57
O2 SO4 M . 4.40 -10.82 20.98
O3 SO4 M . 2.15 -11.77 21.65
O4 SO4 M . 2.40 -9.82 20.16
#